data_2YV7
#
_entry.id   2YV7
#
_cell.length_a   39.393
_cell.length_b   63.451
_cell.length_c   114.122
_cell.angle_alpha   90.00
_cell.angle_beta   90.00
_cell.angle_gamma   90.00
#
_symmetry.space_group_name_H-M   'P 21 21 21'
#
loop_
_entity.id
_entity.type
_entity.pdbx_description
1 polymer CG10997-PA
2 non-polymer 'CALCIUM ION'
3 non-polymer 'IODIDE ION'
4 water water
#
_entity_poly.entity_id   1
_entity_poly.type   'polypeptide(L)'
_entity_poly.pdbx_seq_one_letter_code
;MSEVESQQSQETNGSSKFDVPEIELIIKASTIDGRRKGACLFCQEYFMDLYLLAELKTISLKVTTVDMQKPPPDFRTNFE
ATHPPILIDNGLAILENEKIERHIMKNIPGGYNLFVQDKEVATLIENLYVKLKLMLVKKDEAKNNALLSHLRKINDHLSA
RNTRFLTGDTMCCFDCELMPRLQHIRVAGKYFVDFEIPTHLTALWRYMYHMYQLDAFTQSCPADQDIINHYKLQQSLKMK
KHEELETPTFTTYIPIDISE
;
_entity_poly.pdbx_strand_id   A
#
loop_
_chem_comp.id
_chem_comp.type
_chem_comp.name
_chem_comp.formula
CA non-polymer 'CALCIUM ION' 'Ca 2'
IOD non-polymer 'IODIDE ION' 'I -1'
#
# COMPACT_ATOMS: atom_id res chain seq x y z
N GLY A 14 16.53 28.02 15.40
CA GLY A 14 17.92 28.47 15.78
C GLY A 14 18.95 28.35 14.68
N SER A 15 19.10 27.15 14.12
CA SER A 15 20.13 26.86 13.12
C SER A 15 19.57 25.82 12.17
N SER A 16 19.99 25.88 10.90
CA SER A 16 19.69 24.84 9.93
C SER A 16 20.27 23.50 10.38
N LYS A 17 21.31 23.53 11.18
CA LYS A 17 21.90 22.34 11.77
C LYS A 17 20.89 21.36 12.41
N PHE A 18 19.77 21.88 12.92
CA PHE A 18 18.74 21.06 13.58
C PHE A 18 17.58 20.64 12.70
N ASP A 19 17.56 21.11 11.44
CA ASP A 19 16.51 20.70 10.51
C ASP A 19 16.38 19.17 10.49
N VAL A 20 15.17 18.61 10.64
CA VAL A 20 15.03 17.15 10.41
C VAL A 20 15.23 16.94 8.94
N PRO A 21 15.69 15.74 8.53
CA PRO A 21 15.90 15.43 7.12
C PRO A 21 14.65 15.53 6.25
N GLU A 22 14.78 16.04 5.04
CA GLU A 22 13.68 15.96 4.10
C GLU A 22 13.87 14.74 3.21
N ILE A 23 12.90 13.82 3.25
CA ILE A 23 12.93 12.70 2.32
C ILE A 23 11.98 12.98 1.19
N GLU A 24 12.41 12.68 -0.05
CA GLU A 24 11.58 12.81 -1.24
C GLU A 24 11.24 11.42 -1.76
N LEU A 25 9.94 11.14 -1.92
CA LEU A 25 9.52 9.89 -2.54
C LEU A 25 8.93 10.18 -3.92
N ILE A 26 9.56 9.65 -4.96
CA ILE A 26 8.98 9.76 -6.29
C ILE A 26 8.02 8.60 -6.53
N ILE A 27 6.79 8.92 -6.95
CA ILE A 27 5.76 7.88 -7.23
C ILE A 27 5.16 7.99 -8.65
N LYS A 28 4.59 6.89 -9.15
CA LYS A 28 3.97 6.83 -10.47
C LYS A 28 2.63 7.50 -10.39
N ALA A 29 2.34 8.34 -11.39
CA ALA A 29 1.07 9.03 -11.53
C ALA A 29 0.03 8.09 -12.10
N SER A 30 -1.20 8.41 -11.76
CA SER A 30 -2.38 7.93 -12.44
C SER A 30 -2.18 7.97 -13.95
N THR A 31 -2.63 6.90 -14.54
CA THR A 31 -2.64 6.65 -15.95
C THR A 31 -3.91 7.23 -16.58
N ILE A 32 -4.78 7.79 -15.77
CA ILE A 32 -5.96 8.52 -16.28
C ILE A 32 -5.66 9.99 -16.48
N ASP A 33 -5.13 10.67 -15.47
CA ASP A 33 -4.92 12.10 -15.62
C ASP A 33 -3.45 12.57 -15.56
N GLY A 34 -2.55 11.67 -15.22
CA GLY A 34 -1.15 11.99 -15.11
C GLY A 34 -0.76 12.88 -13.94
N ARG A 35 -1.70 13.20 -13.06
CA ARG A 35 -1.43 14.07 -11.93
C ARG A 35 -1.73 13.42 -10.57
N ARG A 36 -2.86 12.71 -10.47
CA ARG A 36 -3.21 12.03 -9.24
C ARG A 36 -2.19 10.93 -8.94
N LYS A 37 -2.04 10.58 -7.68
CA LYS A 37 -1.19 9.43 -7.39
C LYS A 37 -1.72 8.19 -8.13
N GLY A 38 -0.85 7.28 -8.55
CA GLY A 38 -1.28 6.06 -9.28
C GLY A 38 -1.47 4.90 -8.29
N ALA A 39 -1.57 3.71 -8.83
CA ALA A 39 -1.97 2.52 -8.03
C ALA A 39 -0.88 1.50 -7.73
N CYS A 40 0.39 1.90 -7.86
CA CYS A 40 1.53 0.98 -7.63
C CYS A 40 1.52 0.59 -6.15
N LEU A 41 1.54 -0.73 -5.86
CA LEU A 41 1.57 -1.16 -4.46
C LEU A 41 2.88 -0.77 -3.72
N PHE A 42 3.99 -0.81 -4.43
CA PHE A 42 5.28 -0.38 -3.84
C PHE A 42 5.28 1.08 -3.48
N CYS A 43 4.81 1.93 -4.40
CA CYS A 43 4.67 3.35 -4.06
C CYS A 43 3.81 3.49 -2.83
N GLN A 44 2.64 2.80 -2.72
CA GLN A 44 1.81 3.06 -1.58
C GLN A 44 2.45 2.58 -0.27
N GLU A 45 3.10 1.43 -0.35
CA GLU A 45 3.73 0.82 0.83
C GLU A 45 4.80 1.81 1.40
N TYR A 46 5.66 2.30 0.54
CA TYR A 46 6.78 3.19 0.98
C TYR A 46 6.27 4.60 1.32
N PHE A 47 5.24 5.08 0.62
CA PHE A 47 4.55 6.31 1.00
C PHE A 47 4.06 6.15 2.44
N MET A 48 3.39 5.01 2.73
CA MET A 48 2.86 4.80 4.06
C MET A 48 3.98 4.75 5.12
N ASP A 49 5.08 4.02 4.87
CA ASP A 49 6.20 3.90 5.84
C ASP A 49 6.71 5.29 6.14
N LEU A 50 6.92 6.07 5.08
CA LEU A 50 7.55 7.40 5.29
C LEU A 50 6.60 8.39 6.01
N TYR A 51 5.32 8.30 5.68
CA TYR A 51 4.31 9.13 6.31
C TYR A 51 4.30 8.86 7.81
N LEU A 52 4.35 7.57 8.21
CA LEU A 52 4.35 7.25 9.61
C LEU A 52 5.59 7.87 10.30
N LEU A 53 6.72 7.83 9.64
CA LEU A 53 7.99 8.37 10.20
C LEU A 53 7.95 9.90 10.32
N ALA A 54 7.31 10.52 9.35
CA ALA A 54 7.14 11.97 9.31
C ALA A 54 6.10 12.42 10.35
N GLU A 55 5.05 11.63 10.56
CA GLU A 55 4.18 11.88 11.70
C GLU A 55 4.92 11.91 13.02
N LEU A 56 5.93 11.05 13.15
CA LEU A 56 6.75 10.93 14.35
C LEU A 56 7.80 12.03 14.39
N LYS A 57 7.77 12.87 13.36
CA LYS A 57 8.65 14.03 13.20
C LYS A 57 10.16 13.72 13.16
N THR A 58 10.53 12.53 12.71
CA THR A 58 11.96 12.26 12.50
C THR A 58 12.43 12.78 11.14
N ILE A 59 11.47 13.00 10.25
CA ILE A 59 11.78 13.43 8.87
C ILE A 59 10.69 14.35 8.37
N SER A 60 10.94 14.87 7.16
CA SER A 60 10.05 15.67 6.38
C SER A 60 9.80 14.83 5.12
N LEU A 61 8.54 14.74 4.73
CA LEU A 61 8.21 13.94 3.56
C LEU A 61 7.71 14.84 2.44
N LYS A 62 8.32 14.68 1.28
CA LYS A 62 7.93 15.29 0.02
C LYS A 62 7.64 14.18 -0.97
N VAL A 63 6.42 14.18 -1.48
CA VAL A 63 5.98 13.20 -2.47
C VAL A 63 5.84 13.84 -3.86
N THR A 64 6.61 13.31 -4.81
CA THR A 64 6.67 13.78 -6.20
C THR A 64 6.02 12.74 -7.11
N THR A 65 5.00 13.16 -7.85
CA THR A 65 4.31 12.28 -8.77
C THR A 65 4.84 12.46 -10.20
N VAL A 66 5.25 11.38 -10.85
CA VAL A 66 5.69 11.44 -12.25
C VAL A 66 4.79 10.63 -13.21
N ASP A 67 4.45 11.26 -14.32
CA ASP A 67 3.67 10.59 -15.35
C ASP A 67 4.70 9.88 -16.16
N MET A 68 4.65 8.55 -16.13
CA MET A 68 5.68 7.73 -16.73
C MET A 68 5.69 7.71 -18.25
N GLN A 69 4.57 8.14 -18.87
CA GLN A 69 4.60 8.29 -20.32
C GLN A 69 4.79 9.75 -20.80
N LYS A 70 4.92 10.69 -19.86
CA LYS A 70 5.36 12.08 -20.12
C LYS A 70 6.28 12.56 -18.98
N PRO A 71 7.44 11.91 -18.80
CA PRO A 71 8.37 12.25 -17.71
C PRO A 71 9.13 13.55 -17.99
N PRO A 72 9.21 14.45 -17.00
CA PRO A 72 9.88 15.73 -17.23
C PRO A 72 11.41 15.62 -17.12
N ASN A 78 18.99 11.15 -15.05
CA ASN A 78 19.12 11.14 -13.59
C ASN A 78 18.90 9.75 -13.02
N PHE A 79 17.91 9.05 -13.55
CA PHE A 79 17.54 7.75 -13.05
C PHE A 79 17.67 6.69 -14.14
N GLU A 80 17.49 7.13 -15.40
CA GLU A 80 17.52 6.26 -16.57
C GLU A 80 16.33 5.29 -16.62
N ALA A 81 16.62 3.99 -16.51
CA ALA A 81 15.63 2.97 -16.80
C ALA A 81 14.80 2.51 -15.59
N THR A 82 15.02 3.16 -14.44
CA THR A 82 14.35 2.75 -13.21
C THR A 82 12.96 3.39 -13.01
N HIS A 83 12.00 2.53 -12.69
CA HIS A 83 10.62 2.91 -12.38
C HIS A 83 10.43 3.33 -10.92
N PRO A 84 9.50 4.28 -10.67
CA PRO A 84 9.11 4.57 -9.29
C PRO A 84 8.68 3.30 -8.56
N PRO A 85 8.76 3.30 -7.21
CA PRO A 85 9.19 4.42 -6.41
C PRO A 85 10.71 4.53 -6.41
N ILE A 86 11.14 5.75 -6.14
CA ILE A 86 12.54 6.09 -5.98
C ILE A 86 12.60 6.95 -4.76
N LEU A 87 13.57 6.69 -3.85
CA LEU A 87 13.64 7.43 -2.59
C LEU A 87 14.91 8.32 -2.62
N ILE A 88 14.73 9.62 -2.40
CA ILE A 88 15.88 10.57 -2.50
C ILE A 88 16.09 11.15 -1.12
N ASP A 89 17.28 10.87 -0.59
CA ASP A 89 17.69 11.25 0.76
C ASP A 89 18.95 12.16 0.61
N ASN A 90 18.78 13.48 0.72
CA ASN A 90 19.90 14.42 0.49
C ASN A 90 20.79 14.01 -0.73
N GLY A 91 20.20 14.06 -1.94
CA GLY A 91 20.94 13.84 -3.21
C GLY A 91 21.31 12.42 -3.61
N LEU A 92 21.23 11.51 -2.64
CA LEU A 92 21.43 10.08 -2.84
C LEU A 92 20.08 9.49 -3.28
N ALA A 93 20.07 8.82 -4.43
CA ALA A 93 18.82 8.25 -4.94
C ALA A 93 18.87 6.74 -4.79
N ILE A 94 17.91 6.22 -4.01
CA ILE A 94 17.72 4.77 -3.86
C ILE A 94 16.72 4.28 -4.92
N LEU A 95 17.14 3.34 -5.77
CA LEU A 95 16.37 2.97 -6.98
C LEU A 95 15.68 1.60 -6.97
N GLU A 96 16.29 0.62 -6.32
CA GLU A 96 15.72 -0.71 -6.25
C GLU A 96 14.81 -0.78 -5.03
N ASN A 97 13.61 -1.37 -5.19
CA ASN A 97 12.66 -1.42 -4.06
C ASN A 97 13.21 -2.09 -2.80
N GLU A 98 13.89 -3.22 -2.96
CA GLU A 98 14.47 -3.90 -1.79
C GLU A 98 15.46 -3.01 -1.06
N LYS A 99 16.17 -2.17 -1.80
CA LYS A 99 17.14 -1.22 -1.20
C LYS A 99 16.47 -0.03 -0.54
N ILE A 100 15.33 0.42 -1.09
CA ILE A 100 14.52 1.45 -0.45
C ILE A 100 14.07 0.99 0.92
N GLU A 101 13.54 -0.24 1.02
CA GLU A 101 13.20 -0.80 2.35
C GLU A 101 14.35 -0.81 3.32
N ARG A 102 15.44 -1.40 2.85
CA ARG A 102 16.65 -1.53 3.64
C ARG A 102 17.10 -0.16 4.09
N HIS A 103 17.03 0.83 3.20
CA HIS A 103 17.42 2.22 3.55
C HIS A 103 16.51 2.84 4.61
N ILE A 104 15.19 2.65 4.47
CA ILE A 104 14.26 3.16 5.45
C ILE A 104 14.57 2.55 6.80
N MET A 105 14.76 1.23 6.82
CA MET A 105 15.00 0.49 8.07
C MET A 105 16.30 0.90 8.74
N LYS A 106 17.38 0.97 7.97
CA LYS A 106 18.71 1.16 8.54
C LYS A 106 19.12 2.62 8.68
N ASN A 107 18.75 3.47 7.72
CA ASN A 107 19.24 4.86 7.65
C ASN A 107 18.27 6.00 7.99
N ILE A 108 16.97 5.72 8.05
CA ILE A 108 16.04 6.78 8.40
C ILE A 108 15.61 6.65 9.87
N PRO A 109 15.76 7.73 10.66
CA PRO A 109 15.35 7.68 12.07
C PRO A 109 13.93 7.21 12.19
N GLY A 110 13.70 6.29 13.12
CA GLY A 110 12.39 5.69 13.35
C GLY A 110 12.26 4.35 12.67
N GLY A 111 13.15 4.10 11.72
CA GLY A 111 13.06 2.99 10.76
C GLY A 111 13.14 1.63 11.39
N TYR A 112 14.04 1.47 12.35
CA TYR A 112 14.21 0.21 13.07
C TYR A 112 12.98 -0.22 13.85
N ASN A 113 12.33 0.75 14.49
CA ASN A 113 11.07 0.51 15.19
C ASN A 113 9.94 0.14 14.21
N LEU A 114 10.00 0.66 12.98
CA LEU A 114 8.91 0.42 12.03
C LEU A 114 9.07 -0.99 11.43
N PHE A 115 10.31 -1.38 11.21
CA PHE A 115 10.61 -2.69 10.69
C PHE A 115 10.75 -3.74 11.81
N VAL A 116 9.64 -4.02 12.48
CA VAL A 116 9.55 -5.03 13.56
C VAL A 116 10.03 -6.34 13.00
N GLN A 117 10.70 -7.15 13.82
CA GLN A 117 11.07 -8.52 13.44
C GLN A 117 9.95 -9.45 13.85
N ASP A 118 9.28 -10.02 12.84
CA ASP A 118 8.20 -10.97 13.08
C ASP A 118 8.11 -11.88 11.86
N LYS A 119 8.87 -12.98 11.87
CA LYS A 119 8.89 -13.91 10.74
C LYS A 119 7.53 -14.55 10.51
N GLU A 120 6.77 -14.72 11.60
CA GLU A 120 5.43 -15.24 11.57
C GLU A 120 4.52 -14.40 10.64
N VAL A 121 4.59 -13.09 10.88
CA VAL A 121 3.83 -12.16 10.07
C VAL A 121 4.35 -12.10 8.63
N ALA A 122 5.66 -12.04 8.43
CA ALA A 122 6.20 -12.08 7.05
C ALA A 122 5.64 -13.26 6.30
N THR A 123 5.66 -14.43 6.94
CA THR A 123 5.24 -15.64 6.21
C THR A 123 3.73 -15.60 5.97
N LEU A 124 3.02 -15.08 6.98
CA LEU A 124 1.57 -14.93 6.92
C LEU A 124 1.11 -14.19 5.66
N ILE A 125 1.75 -13.07 5.33
CA ILE A 125 1.24 -12.26 4.24
C ILE A 125 1.93 -12.51 2.88
N GLU A 126 2.99 -13.31 2.87
CA GLU A 126 3.73 -13.57 1.65
C GLU A 126 2.83 -14.11 0.53
N ASN A 127 3.07 -13.62 -0.69
CA ASN A 127 2.40 -14.13 -1.91
C ASN A 127 0.90 -13.83 -1.98
N LEU A 128 0.42 -12.91 -1.16
CA LEU A 128 -0.99 -12.55 -1.20
C LEU A 128 -1.36 -11.91 -2.55
N TYR A 129 -0.51 -11.02 -2.99
CA TYR A 129 -0.79 -10.35 -4.24
C TYR A 129 -0.86 -11.23 -5.50
N VAL A 130 0.03 -12.22 -5.68
CA VAL A 130 -0.12 -13.05 -6.88
C VAL A 130 -1.51 -13.75 -6.90
N LYS A 131 -2.07 -14.06 -5.73
CA LYS A 131 -3.37 -14.67 -5.65
C LYS A 131 -4.45 -13.74 -6.23
N LEU A 132 -4.35 -12.44 -5.94
CA LEU A 132 -5.28 -11.46 -6.52
C LEU A 132 -5.09 -11.40 -8.00
N LYS A 133 -3.85 -11.24 -8.44
CA LYS A 133 -3.59 -11.29 -9.88
C LYS A 133 -4.22 -12.47 -10.62
N LEU A 134 -4.08 -13.67 -10.10
CA LEU A 134 -4.59 -14.85 -10.81
C LEU A 134 -6.12 -14.87 -10.87
N MET A 135 -6.75 -14.33 -9.85
CA MET A 135 -8.22 -14.28 -9.77
C MET A 135 -8.78 -13.34 -10.80
N LEU A 136 -8.04 -12.28 -11.08
CA LEU A 136 -8.57 -11.24 -11.97
C LEU A 136 -8.55 -11.64 -13.47
N VAL A 137 -7.74 -12.64 -13.81
CA VAL A 137 -7.57 -13.14 -15.17
C VAL A 137 -8.92 -13.37 -15.84
N LYS A 138 -9.86 -13.97 -15.08
CA LYS A 138 -11.27 -14.13 -15.46
C LYS A 138 -12.01 -14.70 -14.26
N LYS A 139 -13.35 -14.71 -14.30
CA LYS A 139 -14.11 -15.23 -13.17
C LYS A 139 -13.82 -16.71 -12.98
N ASP A 140 -13.35 -17.06 -11.80
CA ASP A 140 -12.97 -18.45 -11.53
C ASP A 140 -13.08 -18.62 -10.01
N GLU A 141 -14.13 -19.31 -9.54
CA GLU A 141 -14.37 -19.49 -8.12
C GLU A 141 -13.27 -20.23 -7.40
N ALA A 142 -12.57 -21.12 -8.12
CA ALA A 142 -11.49 -21.83 -7.49
C ALA A 142 -10.36 -20.83 -7.18
N LYS A 143 -10.14 -19.87 -8.08
CA LYS A 143 -9.07 -18.89 -7.86
C LYS A 143 -9.50 -17.90 -6.74
N ASN A 144 -10.79 -17.60 -6.72
CA ASN A 144 -11.38 -16.71 -5.72
C ASN A 144 -11.17 -17.33 -4.37
N ASN A 145 -11.48 -18.62 -4.28
CA ASN A 145 -11.40 -19.30 -2.99
C ASN A 145 -9.98 -19.52 -2.49
N ALA A 146 -9.01 -19.58 -3.41
CA ALA A 146 -7.62 -19.58 -2.99
C ALA A 146 -7.23 -18.26 -2.33
N LEU A 147 -7.67 -17.15 -2.92
CA LEU A 147 -7.41 -15.86 -2.22
C LEU A 147 -8.15 -15.85 -0.91
N LEU A 148 -9.40 -16.32 -0.90
CA LEU A 148 -10.21 -16.24 0.35
C LEU A 148 -9.53 -17.04 1.49
N SER A 149 -8.96 -18.19 1.16
CA SER A 149 -8.31 -19.02 2.20
C SER A 149 -7.15 -18.25 2.88
N HIS A 150 -6.43 -17.47 2.08
CA HIS A 150 -5.28 -16.65 2.60
C HIS A 150 -5.83 -15.56 3.52
N LEU A 151 -6.93 -14.89 3.10
CA LEU A 151 -7.52 -13.81 3.92
C LEU A 151 -8.05 -14.41 5.22
N ARG A 152 -8.54 -15.66 5.15
CA ARG A 152 -8.97 -16.36 6.39
C ARG A 152 -7.86 -16.52 7.36
N LYS A 153 -6.70 -16.91 6.87
CA LYS A 153 -5.49 -17.03 7.71
C LYS A 153 -5.15 -15.71 8.35
N ILE A 154 -5.18 -14.63 7.55
CA ILE A 154 -4.91 -13.28 8.11
C ILE A 154 -5.96 -12.92 9.14
N ASN A 155 -7.22 -13.16 8.82
CA ASN A 155 -8.27 -12.88 9.79
C ASN A 155 -8.03 -13.60 11.15
N ASP A 156 -7.66 -14.86 11.07
CA ASP A 156 -7.54 -15.71 12.24
C ASP A 156 -6.30 -15.35 13.06
N HIS A 157 -5.21 -15.00 12.38
CA HIS A 157 -4.07 -14.25 13.08
C HIS A 157 -4.54 -13.02 13.89
N LEU A 158 -5.20 -12.06 13.23
CA LEU A 158 -5.71 -10.86 13.85
C LEU A 158 -6.64 -11.16 15.07
N SER A 159 -7.52 -12.13 14.88
CA SER A 159 -8.47 -12.56 15.91
C SER A 159 -7.68 -13.12 17.10
N ALA A 160 -6.66 -13.95 16.84
CA ALA A 160 -5.86 -14.60 17.90
C ALA A 160 -5.04 -13.55 18.65
N ARG A 161 -4.49 -12.58 17.91
CA ARG A 161 -3.64 -11.56 18.52
C ARG A 161 -4.45 -10.50 19.24
N ASN A 162 -5.67 -10.21 18.79
CA ASN A 162 -6.51 -9.14 19.30
C ASN A 162 -5.74 -7.83 19.55
N THR A 163 -4.93 -7.46 18.57
CA THR A 163 -4.25 -6.17 18.56
C THR A 163 -4.83 -5.39 17.39
N ARG A 164 -4.63 -4.07 17.39
CA ARG A 164 -5.24 -3.22 16.39
C ARG A 164 -4.58 -3.56 15.06
N PHE A 165 -3.26 -3.78 15.08
CA PHE A 165 -2.55 -4.04 13.80
C PHE A 165 -1.85 -5.41 13.80
N LEU A 166 -1.08 -5.72 12.75
CA LEU A 166 -0.62 -7.10 12.63
C LEU A 166 0.31 -7.55 13.78
N THR A 167 1.15 -6.67 14.29
CA THR A 167 2.15 -7.11 15.28
C THR A 167 1.94 -6.44 16.64
N GLY A 168 0.84 -5.71 16.78
CA GLY A 168 0.52 -4.95 18.03
C GLY A 168 -0.40 -3.78 17.81
N ASP A 169 -0.42 -2.81 18.74
CA ASP A 169 -1.33 -1.68 18.56
C ASP A 169 -0.76 -0.52 17.76
N THR A 170 0.50 -0.60 17.35
CA THR A 170 1.19 0.38 16.53
C THR A 170 1.43 -0.20 15.12
N MET A 171 1.35 0.66 14.11
CA MET A 171 1.67 0.29 12.74
C MET A 171 3.10 -0.17 12.59
N CYS A 172 3.28 -1.25 11.81
CA CYS A 172 4.63 -1.59 11.35
C CYS A 172 4.70 -1.76 9.83
N CYS A 173 5.88 -2.08 9.36
CA CYS A 173 6.19 -2.30 7.95
C CYS A 173 5.19 -3.26 7.25
N PHE A 174 4.78 -4.30 7.99
CA PHE A 174 3.95 -5.35 7.39
C PHE A 174 2.55 -4.82 7.14
N ASP A 175 2.08 -3.92 7.99
CA ASP A 175 0.79 -3.25 7.77
C ASP A 175 0.82 -2.42 6.48
N CYS A 176 1.91 -1.68 6.28
CA CYS A 176 2.02 -0.86 5.08
C CYS A 176 2.14 -1.72 3.81
N GLU A 177 2.56 -3.00 3.94
CA GLU A 177 2.52 -3.91 2.78
C GLU A 177 1.08 -4.49 2.63
N LEU A 178 0.42 -4.86 3.77
CA LEU A 178 -0.87 -5.56 3.70
C LEU A 178 -2.01 -4.64 3.25
N MET A 179 -2.04 -3.44 3.84
CA MET A 179 -3.23 -2.57 3.66
C MET A 179 -3.44 -2.20 2.20
N PRO A 180 -2.39 -1.76 1.48
CA PRO A 180 -2.59 -1.47 0.04
C PRO A 180 -3.10 -2.71 -0.75
N ARG A 181 -2.62 -3.92 -0.39
CA ARG A 181 -3.14 -5.11 -1.13
C ARG A 181 -4.61 -5.39 -0.78
N LEU A 182 -5.05 -5.18 0.47
CA LEU A 182 -6.47 -5.34 0.83
C LEU A 182 -7.34 -4.37 0.04
N GLN A 183 -6.85 -3.17 -0.14
CA GLN A 183 -7.60 -2.21 -0.95
C GLN A 183 -7.69 -2.60 -2.44
N HIS A 184 -6.63 -3.12 -3.09
CA HIS A 184 -6.75 -3.57 -4.48
C HIS A 184 -7.69 -4.79 -4.54
N ILE A 185 -7.59 -5.68 -3.54
CA ILE A 185 -8.51 -6.84 -3.45
C ILE A 185 -9.96 -6.37 -3.43
N ARG A 186 -10.30 -5.43 -2.57
CA ARG A 186 -11.67 -4.92 -2.47
C ARG A 186 -12.06 -4.29 -3.77
N VAL A 187 -11.27 -3.33 -4.25
CA VAL A 187 -11.71 -2.53 -5.41
C VAL A 187 -11.70 -3.29 -6.72
N ALA A 188 -10.56 -3.93 -7.03
CA ALA A 188 -10.42 -4.60 -8.30
C ALA A 188 -11.16 -5.94 -8.24
N GLY A 189 -11.07 -6.64 -7.12
CA GLY A 189 -11.85 -7.87 -6.89
C GLY A 189 -13.33 -7.70 -7.26
N LYS A 190 -13.94 -6.66 -6.73
CA LYS A 190 -15.39 -6.42 -6.92
C LYS A 190 -15.66 -6.00 -8.35
N TYR A 191 -14.86 -5.04 -8.84
CA TYR A 191 -15.13 -4.52 -10.21
C TYR A 191 -15.01 -5.61 -11.28
N PHE A 192 -13.90 -6.33 -11.26
CA PHE A 192 -13.62 -7.26 -12.35
C PHE A 192 -14.35 -8.57 -12.22
N VAL A 193 -14.38 -9.15 -11.02
CA VAL A 193 -14.92 -10.55 -10.89
C VAL A 193 -15.96 -10.68 -9.80
N ASP A 194 -16.57 -9.57 -9.39
CA ASP A 194 -17.57 -9.63 -8.33
C ASP A 194 -17.16 -10.44 -7.10
N PHE A 195 -15.90 -10.31 -6.72
CA PHE A 195 -15.43 -10.88 -5.46
C PHE A 195 -15.67 -9.92 -4.36
N GLU A 196 -16.15 -10.45 -3.20
CA GLU A 196 -16.25 -9.65 -1.98
C GLU A 196 -15.69 -10.42 -0.84
N ILE A 197 -15.07 -9.69 0.10
CA ILE A 197 -14.49 -10.28 1.34
C ILE A 197 -15.61 -10.52 2.32
N PRO A 198 -15.82 -11.78 2.70
CA PRO A 198 -17.08 -12.07 3.39
C PRO A 198 -17.16 -11.53 4.78
N THR A 199 -18.41 -11.33 5.21
CA THR A 199 -18.67 -10.58 6.47
C THR A 199 -18.29 -11.32 7.75
N HIS A 200 -18.08 -12.63 7.63
CA HIS A 200 -17.74 -13.41 8.81
C HIS A 200 -16.26 -13.32 9.16
N LEU A 201 -15.52 -12.56 8.33
CA LEU A 201 -14.13 -12.30 8.65
C LEU A 201 -14.05 -11.08 9.54
N THR A 202 -14.61 -11.21 10.74
CA THR A 202 -14.76 -10.06 11.64
C THR A 202 -13.48 -9.31 11.97
N ALA A 203 -12.39 -10.02 12.25
CA ALA A 203 -11.12 -9.35 12.69
C ALA A 203 -10.49 -8.58 11.51
N LEU A 204 -10.62 -9.17 10.33
CA LEU A 204 -10.15 -8.54 9.09
C LEU A 204 -10.95 -7.27 8.76
N TRP A 205 -12.26 -7.32 8.94
CA TRP A 205 -13.08 -6.15 8.63
C TRP A 205 -12.78 -5.07 9.65
N ARG A 206 -12.50 -5.48 10.88
CA ARG A 206 -12.14 -4.54 11.96
C ARG A 206 -10.75 -3.90 11.63
N TYR A 207 -9.83 -4.69 11.11
CA TYR A 207 -8.53 -4.16 10.69
C TYR A 207 -8.74 -3.08 9.57
N MET A 208 -9.57 -3.40 8.56
CA MET A 208 -9.82 -2.45 7.48
C MET A 208 -10.54 -1.19 7.99
N TYR A 209 -11.43 -1.38 8.96
CA TYR A 209 -12.10 -0.25 9.56
C TYR A 209 -11.02 0.71 10.08
N HIS A 210 -10.08 0.18 10.83
CA HIS A 210 -8.96 1.00 11.32
C HIS A 210 -8.07 1.54 10.25
N MET A 211 -7.86 0.79 9.16
CA MET A 211 -7.08 1.28 8.03
C MET A 211 -7.63 2.51 7.41
N TYR A 212 -8.95 2.62 7.38
CA TYR A 212 -9.56 3.79 6.80
C TYR A 212 -9.52 5.01 7.73
N GLN A 213 -9.26 4.79 9.02
CA GLN A 213 -9.08 5.88 10.02
C GLN A 213 -7.63 6.36 10.07
N LEU A 214 -6.75 5.71 9.30
CA LEU A 214 -5.32 6.01 9.41
C LEU A 214 -4.88 7.05 8.38
N ASP A 215 -4.31 8.15 8.85
CA ASP A 215 -3.88 9.18 7.90
C ASP A 215 -2.89 8.66 6.86
N ALA A 216 -1.96 7.80 7.28
CA ALA A 216 -0.92 7.30 6.35
C ALA A 216 -1.61 6.56 5.23
N PHE A 217 -2.68 5.84 5.61
CA PHE A 217 -3.41 5.11 4.58
C PHE A 217 -4.18 6.05 3.65
N THR A 218 -5.02 6.89 4.22
CA THR A 218 -5.94 7.68 3.41
C THR A 218 -5.15 8.72 2.57
N GLN A 219 -4.07 9.28 3.13
CA GLN A 219 -3.22 10.17 2.36
C GLN A 219 -2.53 9.49 1.15
N SER A 220 -2.28 8.16 1.23
CA SER A 220 -1.52 7.52 0.22
C SER A 220 -2.40 6.66 -0.71
N CYS A 221 -3.68 6.57 -0.37
CA CYS A 221 -4.55 5.58 -1.07
C CYS A 221 -4.93 6.09 -2.41
N PRO A 222 -4.71 5.32 -3.48
CA PRO A 222 -5.22 5.88 -4.74
C PRO A 222 -6.75 5.79 -4.83
N ALA A 223 -7.35 6.65 -5.66
CA ALA A 223 -8.78 6.47 -6.00
C ALA A 223 -9.13 5.11 -6.68
N ASP A 224 -10.37 4.68 -6.47
CA ASP A 224 -10.88 3.46 -7.09
C ASP A 224 -10.62 3.42 -8.56
N GLN A 225 -10.94 4.53 -9.24
CA GLN A 225 -10.81 4.58 -10.69
C GLN A 225 -9.41 4.30 -11.17
N ASP A 226 -8.42 4.73 -10.40
CA ASP A 226 -7.04 4.51 -10.71
C ASP A 226 -6.62 3.06 -10.45
N ILE A 227 -7.08 2.46 -9.35
CA ILE A 227 -6.84 1.02 -9.12
C ILE A 227 -7.43 0.22 -10.28
N ILE A 228 -8.70 0.48 -10.60
CA ILE A 228 -9.35 -0.20 -11.74
C ILE A 228 -8.63 0.00 -13.09
N ASN A 229 -8.31 1.24 -13.43
CA ASN A 229 -7.63 1.54 -14.68
C ASN A 229 -6.28 0.78 -14.74
N HIS A 230 -5.58 0.76 -13.60
CA HIS A 230 -4.32 0.03 -13.45
C HIS A 230 -4.46 -1.39 -13.97
N TYR A 231 -5.45 -2.14 -13.47
CA TYR A 231 -5.72 -3.47 -14.01
C TYR A 231 -6.30 -3.54 -15.41
N LYS A 232 -7.05 -2.54 -15.84
CA LYS A 232 -7.58 -2.54 -17.19
C LYS A 232 -6.42 -2.51 -18.19
N LEU A 233 -5.46 -1.62 -17.95
CA LEU A 233 -4.31 -1.52 -18.84
C LEU A 233 -3.52 -2.81 -18.84
N GLN A 234 -3.40 -3.43 -17.67
CA GLN A 234 -2.77 -4.75 -17.56
C GLN A 234 -3.44 -5.79 -18.45
N GLN A 235 -4.75 -5.67 -18.62
CA GLN A 235 -5.53 -6.64 -19.40
C GLN A 235 -5.92 -6.07 -20.78
N SER A 236 -5.42 -4.87 -21.07
CA SER A 236 -5.58 -4.17 -22.35
C SER A 236 -7.02 -4.00 -22.79
N LEU A 237 -7.88 -3.63 -21.84
CA LEU A 237 -9.27 -3.33 -22.11
C LEU A 237 -9.44 -1.82 -22.28
N LYS A 238 -10.65 -1.42 -22.69
CA LYS A 238 -11.11 -0.04 -22.47
C LYS A 238 -12.63 0.08 -22.45
N GLU A 244 -12.15 9.35 -18.28
CA GLU A 244 -11.23 10.39 -17.82
C GLU A 244 -11.92 11.51 -17.02
N LEU A 245 -13.24 11.64 -17.19
CA LEU A 245 -14.02 12.62 -16.45
C LEU A 245 -14.74 12.05 -15.23
N GLU A 246 -14.48 10.79 -14.87
CA GLU A 246 -15.11 10.18 -13.70
C GLU A 246 -14.41 10.79 -12.50
N THR A 247 -15.18 11.39 -11.61
CA THR A 247 -14.64 12.06 -10.43
C THR A 247 -14.12 10.94 -9.49
N PRO A 248 -12.88 11.10 -9.00
CA PRO A 248 -12.32 10.05 -8.12
C PRO A 248 -13.17 9.76 -6.91
N THR A 249 -13.38 8.48 -6.61
CA THR A 249 -14.05 8.13 -5.36
C THR A 249 -13.19 7.10 -4.65
N PHE A 250 -13.43 6.93 -3.36
CA PHE A 250 -12.62 6.01 -2.52
C PHE A 250 -13.52 5.02 -1.83
N THR A 251 -13.35 3.72 -2.09
CA THR A 251 -14.05 2.68 -1.31
C THR A 251 -13.55 2.69 0.15
N THR A 252 -14.49 2.88 1.07
CA THR A 252 -14.21 2.92 2.50
C THR A 252 -15.25 2.24 3.38
N TYR A 253 -16.32 1.71 2.77
CA TYR A 253 -17.40 1.18 3.61
C TYR A 253 -17.04 -0.14 4.24
N ILE A 254 -17.67 -0.42 5.36
CA ILE A 254 -17.49 -1.67 6.11
C ILE A 254 -18.92 -2.30 6.10
N PRO A 255 -19.07 -3.55 5.58
CA PRO A 255 -20.40 -4.18 5.51
C PRO A 255 -20.94 -4.70 6.85
N ILE A 256 -20.21 -4.49 7.93
CA ILE A 256 -20.72 -4.94 9.25
C ILE A 256 -20.51 -3.85 10.26
N ASP A 257 -21.21 -3.97 11.40
CA ASP A 257 -20.95 -3.15 12.59
C ASP A 257 -19.68 -3.63 13.29
N ILE A 258 -18.94 -2.69 13.88
CA ILE A 258 -17.60 -3.00 14.41
C ILE A 258 -17.48 -3.18 15.95
CA CA B . 11.97 1.40 -7.97
I IOD C . -13.60 -18.48 4.82
#